data_1BBX
#
_entry.id   1BBX
#
_cell.length_a   1.000
_cell.length_b   1.000
_cell.length_c   1.000
_cell.angle_alpha   90.00
_cell.angle_beta   90.00
_cell.angle_gamma   90.00
#
_symmetry.space_group_name_H-M   'P 1'
#
loop_
_entity.id
_entity.type
_entity.pdbx_description
1 polymer "DNA (5'-D(*CP*TP*AP*GP*CP*GP*CP*GP*CP*TP*AP*G)-3')"
2 polymer 'DNA-BINDING PROTEIN 7D'
#
loop_
_entity_poly.entity_id
_entity_poly.type
_entity_poly.pdbx_seq_one_letter_code
_entity_poly.pdbx_strand_id
1 'polydeoxyribonucleotide' (DC)(DT)(DA)(DG)(DC)(DG)(DC)(DG)(DC)(DT)(DA)(DG) A,B
2 'polypeptide(L)' ATVKFKYKGEEKQVDISKIKKVWRVGKMISFTYDEGGGKTGRGAVSEKDAPKELLQMLEKQKK C,D
#
loop_
_chem_comp.id
_chem_comp.type
_chem_comp.name
_chem_comp.formula
DA DNA linking 2'-DEOXYADENOSINE-5'-MONOPHOSPHATE 'C10 H14 N5 O6 P'
DC DNA linking 2'-DEOXYCYTIDINE-5'-MONOPHOSPHATE 'C9 H14 N3 O7 P'
DG DNA linking 2'-DEOXYGUANOSINE-5'-MONOPHOSPHATE 'C10 H14 N5 O7 P'
DT DNA linking THYMIDINE-5'-MONOPHOSPHATE 'C10 H15 N2 O8 P'
#
# COMPACT_ATOMS: atom_id res chain seq x y z
N ALA C 1 17.63 16.96 -6.09
CA ALA C 1 16.84 18.09 -5.53
C ALA C 1 15.35 17.93 -5.89
N THR C 2 14.94 16.76 -6.27
CA THR C 2 13.51 16.56 -6.62
C THR C 2 12.77 15.94 -5.45
N VAL C 3 13.48 15.13 -4.76
CA VAL C 3 12.89 14.42 -3.59
C VAL C 3 13.96 14.14 -2.53
N LYS C 4 13.55 13.86 -1.32
CA LYS C 4 14.52 13.56 -0.24
C LYS C 4 13.96 12.47 0.67
N PHE C 5 14.76 11.96 1.55
CA PHE C 5 14.28 10.90 2.48
C PHE C 5 15.41 10.42 3.39
N LYS C 6 15.30 9.23 3.91
CA LYS C 6 16.37 8.68 4.79
C LYS C 6 16.24 7.16 4.89
N TYR C 7 17.32 6.45 4.69
CA TYR C 7 17.26 4.96 4.77
C TYR C 7 18.36 4.43 5.69
N LYS C 8 18.06 3.48 6.52
CA LYS C 8 19.10 2.94 7.46
C LYS C 8 19.50 4.00 8.47
N GLY C 9 20.00 5.12 8.00
CA GLY C 9 20.43 6.19 8.95
C GLY C 9 21.20 7.27 8.18
N GLU C 10 20.81 7.54 6.95
CA GLU C 10 21.52 8.58 6.16
C GLU C 10 20.52 9.35 5.29
N GLU C 11 20.62 10.65 5.26
CA GLU C 11 19.69 11.45 4.42
C GLU C 11 20.14 11.43 2.96
N LYS C 12 19.22 11.49 2.04
CA LYS C 12 19.59 11.47 0.60
C LYS C 12 18.57 12.26 -0.21
N GLN C 13 18.99 12.85 -1.30
CA GLN C 13 18.04 13.62 -2.15
C GLN C 13 18.48 13.57 -3.60
N VAL C 14 17.55 13.56 -4.53
CA VAL C 14 17.93 13.50 -5.96
C VAL C 14 16.90 14.23 -6.81
N ASP C 15 17.33 14.83 -7.89
CA ASP C 15 16.38 15.56 -8.79
C ASP C 15 15.71 14.57 -9.73
N ILE C 16 14.75 15.02 -10.50
CA ILE C 16 14.05 14.12 -11.42
C ILE C 16 15.04 13.51 -12.43
N SER C 17 16.22 14.06 -12.52
CA SER C 17 17.22 13.54 -13.49
C SER C 17 17.75 12.17 -13.08
N LYS C 18 17.29 11.63 -11.98
CA LYS C 18 17.80 10.31 -11.54
C LYS C 18 16.67 9.45 -10.95
N ILE C 19 15.45 9.91 -11.05
CA ILE C 19 14.32 9.11 -10.50
C ILE C 19 13.53 8.46 -11.63
N LYS C 20 13.02 7.28 -11.42
CA LYS C 20 12.23 6.59 -12.49
C LYS C 20 11.44 5.41 -11.92
N LYS C 21 12.09 4.52 -11.24
CA LYS C 21 11.36 3.35 -10.66
C LYS C 21 10.82 3.71 -9.29
N VAL C 22 9.53 3.87 -9.16
CA VAL C 22 8.96 4.24 -7.84
C VAL C 22 7.59 3.59 -7.63
N TRP C 23 7.51 2.65 -6.72
CA TRP C 23 6.20 2.00 -6.44
C TRP C 23 5.75 2.42 -5.04
N ARG C 24 4.81 1.75 -4.45
CA ARG C 24 4.37 2.20 -3.10
C ARG C 24 3.50 1.14 -2.40
N VAL C 25 4.03 0.36 -1.49
CA VAL C 25 3.15 -0.63 -0.80
C VAL C 25 1.92 0.14 -0.31
N GLY C 26 2.12 0.99 0.65
CA GLY C 26 1.00 1.82 1.20
C GLY C 26 1.61 2.86 2.15
N LYS C 27 2.75 3.38 1.79
CA LYS C 27 3.44 4.37 2.65
C LYS C 27 3.64 5.69 1.89
N MET C 28 4.09 5.58 0.68
CA MET C 28 4.35 6.77 -0.16
C MET C 28 4.74 6.28 -1.55
N ILE C 29 5.96 6.49 -1.96
CA ILE C 29 6.38 5.99 -3.28
C ILE C 29 7.82 5.49 -3.18
N SER C 30 8.03 4.26 -2.79
CA SER C 30 9.41 3.76 -2.68
C SER C 30 10.12 4.06 -4.00
N PHE C 31 10.87 5.12 -4.04
CA PHE C 31 11.54 5.50 -5.32
C PHE C 31 13.03 5.12 -5.32
N THR C 32 13.62 5.00 -6.47
CA THR C 32 15.06 4.66 -6.57
C THR C 32 15.79 5.76 -7.35
N TYR C 33 16.78 6.38 -6.76
CA TYR C 33 17.50 7.46 -7.48
C TYR C 33 19.00 7.16 -7.58
N ASP C 34 19.59 6.70 -6.51
CA ASP C 34 21.05 6.40 -6.56
C ASP C 34 21.52 5.80 -5.22
N GLU C 35 22.76 5.41 -5.15
CA GLU C 35 23.28 4.83 -3.87
C GLU C 35 24.79 5.02 -3.78
N GLY C 36 25.30 6.12 -4.29
CA GLY C 36 26.76 6.36 -4.23
C GLY C 36 27.31 6.50 -5.64
N GLY C 37 26.68 5.87 -6.60
CA GLY C 37 27.18 5.96 -8.00
C GLY C 37 25.99 6.11 -8.95
N GLY C 38 25.07 5.19 -8.92
CA GLY C 38 23.89 5.27 -9.81
C GLY C 38 23.21 3.90 -9.91
N LYS C 39 23.16 3.18 -8.81
CA LYS C 39 22.51 1.85 -8.83
C LYS C 39 21.06 1.95 -8.37
N THR C 40 20.29 2.84 -8.96
CA THR C 40 18.87 2.99 -8.55
C THR C 40 18.79 3.46 -7.10
N GLY C 41 19.13 2.62 -6.16
CA GLY C 41 19.07 3.02 -4.73
C GLY C 41 17.62 3.34 -4.34
N ARG C 42 16.87 2.33 -3.99
CA ARG C 42 15.45 2.56 -3.60
C ARG C 42 15.37 3.48 -2.38
N GLY C 43 14.18 3.85 -2.00
CA GLY C 43 14.00 4.74 -0.84
C GLY C 43 12.52 5.09 -0.75
N ALA C 44 12.01 5.38 0.42
CA ALA C 44 10.56 5.72 0.50
C ALA C 44 10.36 7.23 0.49
N VAL C 45 9.75 7.76 -0.55
CA VAL C 45 9.52 9.22 -0.61
C VAL C 45 8.03 9.54 -0.48
N SER C 46 7.63 10.10 0.64
CA SER C 46 6.19 10.43 0.83
C SER C 46 5.88 11.83 0.32
N GLU C 47 4.67 12.05 -0.11
CA GLU C 47 4.30 13.39 -0.63
C GLU C 47 4.83 14.50 0.28
N LYS C 48 4.97 14.22 1.56
CA LYS C 48 5.49 15.26 2.48
C LYS C 48 7.02 15.19 2.55
N ASP C 49 7.60 14.15 2.03
CA ASP C 49 9.08 14.02 2.07
C ASP C 49 9.72 14.90 1.00
N ALA C 50 9.17 14.91 -0.19
CA ALA C 50 9.75 15.77 -1.27
C ALA C 50 9.26 17.21 -1.12
N PRO C 51 10.02 18.11 -1.68
CA PRO C 51 9.68 19.54 -1.62
C PRO C 51 8.49 19.86 -2.54
N LYS C 52 7.36 19.27 -2.29
CA LYS C 52 6.17 19.53 -3.15
C LYS C 52 6.42 19.01 -4.57
N GLU C 53 7.49 18.26 -4.76
CA GLU C 53 7.78 17.72 -6.11
C GLU C 53 7.36 16.26 -6.19
N LEU C 54 6.45 15.85 -5.36
CA LEU C 54 5.99 14.43 -5.40
C LEU C 54 4.46 14.37 -5.26
N LEU C 55 3.92 14.99 -4.25
CA LEU C 55 2.44 14.97 -4.07
C LEU C 55 1.76 15.30 -5.41
N GLN C 56 2.46 15.99 -6.28
CA GLN C 56 1.85 16.33 -7.59
C GLN C 56 1.89 15.12 -8.52
N MET C 57 2.80 14.21 -8.28
CA MET C 57 2.87 13.00 -9.14
C MET C 57 1.61 12.16 -8.93
N LEU C 58 1.07 12.18 -7.74
CA LEU C 58 -0.16 11.40 -7.47
C LEU C 58 -1.38 12.25 -7.81
N GLU C 59 -1.20 13.53 -7.98
CA GLU C 59 -2.35 14.40 -8.33
C GLU C 59 -2.86 14.02 -9.71
N LYS C 60 -1.96 13.76 -10.63
CA LYS C 60 -2.37 13.37 -12.00
C LYS C 60 -2.48 11.84 -12.10
N GLN C 61 -1.92 11.13 -11.15
CA GLN C 61 -2.00 9.64 -11.19
C GLN C 61 -3.23 9.16 -10.43
N LYS C 62 -3.05 8.67 -9.23
CA LYS C 62 -4.24 8.24 -8.44
C LYS C 62 -5.10 9.46 -8.13
N LYS C 63 -4.55 10.63 -8.36
CA LYS C 63 -5.29 11.89 -8.09
C LYS C 63 -5.67 11.98 -6.62
N ALA D 1 -18.29 -16.63 5.00
CA ALA D 1 -17.73 -17.64 4.06
C ALA D 1 -17.23 -16.95 2.77
N THR D 2 -17.03 -15.66 2.80
CA THR D 2 -16.55 -14.99 1.57
C THR D 2 -15.06 -14.74 1.66
N VAL D 3 -14.63 -14.53 2.84
CA VAL D 3 -13.19 -14.26 3.10
C VAL D 3 -12.78 -14.76 4.49
N LYS D 4 -11.50 -14.93 4.71
CA LYS D 4 -11.02 -15.39 6.05
C LYS D 4 -9.70 -14.70 6.38
N PHE D 5 -9.24 -14.84 7.59
CA PHE D 5 -7.96 -14.20 8.00
C PHE D 5 -7.67 -14.47 9.47
N LYS D 6 -6.87 -13.63 10.08
CA LYS D 6 -6.53 -13.82 11.53
C LYS D 6 -6.00 -12.50 12.11
N TYR D 7 -6.53 -12.09 13.23
CA TYR D 7 -6.04 -10.82 13.85
C TYR D 7 -5.70 -11.05 15.32
N LYS D 8 -4.61 -10.51 15.79
CA LYS D 8 -4.22 -10.70 17.22
C LYS D 8 -3.87 -12.17 17.47
N GLY D 9 -4.80 -13.06 17.23
CA GLY D 9 -4.51 -14.50 17.46
C GLY D 9 -5.81 -15.31 17.35
N GLU D 10 -6.69 -14.91 16.47
CA GLU D 10 -7.97 -15.65 16.31
C GLU D 10 -8.39 -15.68 14.84
N GLU D 11 -8.81 -16.83 14.35
CA GLU D 11 -9.23 -16.91 12.93
C GLU D 11 -10.65 -16.39 12.78
N LYS D 12 -10.96 -15.80 11.65
CA LYS D 12 -12.34 -15.27 11.43
C LYS D 12 -12.70 -15.32 9.95
N GLN D 13 -13.95 -15.48 9.65
CA GLN D 13 -14.38 -15.54 8.22
C GLN D 13 -15.80 -14.98 8.07
N VAL D 14 -16.07 -14.33 6.97
CA VAL D 14 -17.44 -13.76 6.78
C VAL D 14 -17.82 -13.76 5.30
N ASP D 15 -19.07 -13.91 5.00
CA ASP D 15 -19.52 -13.93 3.58
C ASP D 15 -19.71 -12.49 3.10
N ILE D 16 -19.96 -12.29 1.83
CA ILE D 16 -20.14 -10.94 1.31
C ILE D 16 -21.32 -10.24 2.02
N SER D 17 -22.13 -10.97 2.71
CA SER D 17 -23.31 -10.36 3.40
C SER D 17 -22.87 -9.50 4.59
N LYS D 18 -21.60 -9.39 4.84
CA LYS D 18 -21.15 -8.55 5.99
C LYS D 18 -19.87 -7.78 5.65
N ILE D 19 -19.46 -7.81 4.41
CA ILE D 19 -18.22 -7.07 4.02
C ILE D 19 -18.59 -5.81 3.24
N LYS D 20 -17.85 -4.76 3.40
CA LYS D 20 -18.17 -3.50 2.65
C LYS D 20 -16.99 -2.51 2.72
N LYS D 21 -16.52 -2.21 3.89
CA LYS D 21 -15.38 -1.26 4.00
C LYS D 21 -14.06 -2.02 3.91
N VAL D 22 -13.35 -1.88 2.82
CA VAL D 22 -12.07 -2.62 2.68
C VAL D 22 -11.04 -1.79 1.90
N TRP D 23 -10.01 -1.35 2.58
CA TRP D 23 -8.95 -0.57 1.89
C TRP D 23 -7.69 -1.41 1.85
N ARG D 24 -6.54 -0.85 1.58
CA ARG D 24 -5.32 -1.70 1.53
C ARG D 24 -4.04 -0.85 1.51
N VAL D 25 -3.35 -0.71 2.62
CA VAL D 25 -2.07 0.06 2.58
C VAL D 25 -1.25 -0.48 1.41
N GLY D 26 -0.78 -1.69 1.56
CA GLY D 26 0.01 -2.35 0.49
C GLY D 26 0.21 -3.80 0.89
N LYS D 27 -0.79 -4.40 1.47
CA LYS D 27 -0.69 -5.82 1.93
C LYS D 27 -1.75 -6.67 1.25
N MET D 28 -2.94 -6.17 1.21
CA MET D 28 -4.07 -6.91 0.61
C MET D 28 -5.28 -5.99 0.62
N ILE D 29 -6.28 -6.30 1.41
CA ILE D 29 -7.47 -5.41 1.49
C ILE D 29 -7.97 -5.41 2.92
N SER D 30 -7.44 -4.57 3.76
CA SER D 30 -7.92 -4.53 5.16
C SER D 30 -9.44 -4.42 5.13
N PHE D 31 -10.13 -5.51 5.27
CA PHE D 31 -11.62 -5.46 5.19
C PHE D 31 -12.27 -5.52 6.59
N THR D 32 -13.48 -5.07 6.70
CA THR D 32 -14.20 -5.11 8.00
C THR D 32 -15.50 -5.91 7.84
N TYR D 33 -15.67 -6.95 8.60
CA TYR D 33 -16.91 -7.78 8.46
C TYR D 33 -17.66 -7.86 9.79
N ASP D 34 -16.96 -8.08 10.88
CA ASP D 34 -17.66 -8.17 12.20
C ASP D 34 -16.64 -8.34 13.32
N GLU D 35 -17.10 -8.38 14.54
CA GLU D 35 -16.16 -8.55 15.68
C GLU D 35 -16.89 -9.14 16.88
N GLY D 36 -17.84 -10.00 16.64
CA GLY D 36 -18.59 -10.63 17.76
C GLY D 36 -20.08 -10.28 17.65
N GLY D 37 -20.39 -9.17 17.05
CA GLY D 37 -21.82 -8.77 16.90
C GLY D 37 -22.04 -8.17 15.51
N GLY D 38 -21.31 -7.16 15.17
CA GLY D 38 -21.48 -6.54 13.82
C GLY D 38 -20.85 -5.14 13.81
N LYS D 39 -19.74 -4.97 14.48
CA LYS D 39 -19.09 -3.64 14.52
C LYS D 39 -18.00 -3.55 13.44
N THR D 40 -18.33 -3.87 12.22
CA THR D 40 -17.31 -3.80 11.13
C THR D 40 -16.20 -4.82 11.39
N GLY D 41 -15.39 -4.58 12.37
CA GLY D 41 -14.28 -5.53 12.68
C GLY D 41 -13.31 -5.59 11.49
N ARG D 42 -12.38 -4.67 11.43
CA ARG D 42 -11.40 -4.68 10.31
C ARG D 42 -10.60 -5.98 10.30
N GLY D 43 -9.79 -6.15 9.30
CA GLY D 43 -8.96 -7.37 9.20
C GLY D 43 -8.23 -7.33 7.85
N ALA D 44 -7.10 -7.95 7.74
CA ALA D 44 -6.38 -7.90 6.43
C ALA D 44 -6.68 -9.15 5.60
N VAL D 45 -7.37 -9.00 4.51
CA VAL D 45 -7.69 -10.17 3.66
C VAL D 45 -6.91 -10.12 2.35
N SER D 46 -5.94 -10.98 2.18
CA SER D 46 -5.13 -10.99 0.92
C SER D 46 -5.77 -11.89 -0.13
N GLU D 47 -5.56 -11.58 -1.38
CA GLU D 47 -6.16 -12.41 -2.46
C GLU D 47 -5.97 -13.90 -2.15
N LYS D 48 -4.91 -14.24 -1.46
CA LYS D 48 -4.66 -15.68 -1.13
C LYS D 48 -5.36 -16.05 0.19
N ASP D 49 -5.81 -15.07 0.92
CA ASP D 49 -6.50 -15.36 2.21
C ASP D 49 -7.93 -15.83 1.97
N ALA D 50 -8.63 -15.19 1.06
CA ALA D 50 -10.04 -15.61 0.78
C ALA D 50 -10.05 -16.79 -0.19
N PRO D 51 -11.12 -17.53 -0.15
CA PRO D 51 -11.27 -18.72 -1.04
C PRO D 51 -11.51 -18.28 -2.48
N LYS D 52 -10.58 -17.58 -3.08
CA LYS D 52 -10.77 -17.12 -4.48
C LYS D 52 -11.94 -16.13 -4.57
N GLU D 53 -12.42 -15.69 -3.44
CA GLU D 53 -13.55 -14.71 -3.46
C GLU D 53 -13.03 -13.29 -3.20
N LEU D 54 -11.77 -13.06 -3.48
CA LEU D 54 -11.19 -11.70 -3.26
C LEU D 54 -10.31 -11.31 -4.44
N LEU D 55 -9.36 -12.15 -4.79
CA LEU D 55 -8.47 -11.82 -5.93
C LEU D 55 -9.32 -11.35 -7.12
N GLN D 56 -10.55 -11.76 -7.17
CA GLN D 56 -11.43 -11.33 -8.30
C GLN D 56 -11.90 -9.90 -8.08
N MET D 57 -11.91 -9.45 -6.86
CA MET D 57 -12.35 -8.05 -6.59
C MET D 57 -11.33 -7.08 -7.18
N LEU D 58 -10.08 -7.47 -7.20
CA LEU D 58 -9.03 -6.60 -7.78
C LEU D 58 -8.91 -6.88 -9.28
N GLU D 59 -9.48 -7.94 -9.75
CA GLU D 59 -9.41 -8.25 -11.20
C GLU D 59 -10.20 -7.18 -11.96
N LYS D 60 -11.33 -6.81 -11.45
CA LYS D 60 -12.17 -5.77 -12.12
C LYS D 60 -11.80 -4.38 -11.58
N GLN D 61 -11.11 -4.32 -10.47
CA GLN D 61 -10.72 -2.99 -9.91
C GLN D 61 -9.35 -2.59 -10.44
N LYS D 62 -8.31 -2.73 -9.65
CA LYS D 62 -6.96 -2.38 -10.14
C LYS D 62 -6.59 -3.35 -11.27
N LYS D 63 -7.36 -4.41 -11.40
CA LYS D 63 -7.10 -5.41 -12.45
C LYS D 63 -5.71 -6.03 -12.27
#